data_4YRC
#
_entry.id   4YRC
#
_cell.length_a   65.244
_cell.length_b   119.366
_cell.length_c   65.660
_cell.angle_alpha   90.000
_cell.angle_beta   93.610
_cell.angle_gamma   90.000
#
_symmetry.space_group_name_H-M   'I 1 2 1'
#
loop_
_entity.id
_entity.type
_entity.pdbx_description
1 polymer 'Histidyl-tRNA synthetase'
2 non-polymer HISTIDINE
3 non-polymer 2-aminoquinolin-8-ol
4 non-polymer 'SULFATE ION'
5 non-polymer 'DIMETHYL SULFOXIDE'
6 non-polymer 1,2-ETHANEDIOL
7 water water
#
_entity_poly.entity_id   1
_entity_poly.type   'polypeptide(L)'
_entity_poly.pdbx_seq_one_letter_code
;MAHHHHHHMGTLEAQTQGPGSMQKNMVETEPVQGCRDFPPEAMRCRRHLFDVFHATAKTFGFEEYDAPVLESEELYIRKA
GEEITEQMFNFITKGGHRVALRPEMTPSLARLLLGKGRSLLLPAKWYSIPQCWRYEAITRGRRREHYQWNMDIVGVKSVS
AEVELVCAACWAMRSLGLSSKDVGIKVNSRKVLQTVVEQAGVTSDKFAPVCVIVDKMEKIPREEVEAQLAVLGLEPTVVD
AITTTLSLKSIDEIAQRVGEEHEAVKELRQFFEQVEAYGYGDWVLFDASVVRGLAYYTGIVFEGFDREGKFRALCGGGRY
DNLLTTYGSPTPIPCAGFGFGDCVIVELLQEKRLLPDIPHVVDDVVIPFDESMRPHALAVLRRLRDAGRSADIILDKKKV
VQAFNYADRVGAVRAVLVAPEEWERGEVQVKMLREGTGKEEGGAERGFAVPLDRLV
;
_entity_poly.pdbx_strand_id   A
#
loop_
_chem_comp.id
_chem_comp.type
_chem_comp.name
_chem_comp.formula
0P6 non-polymer 2-aminoquinolin-8-ol 'C9 H8 N2 O'
DMS non-polymer 'DIMETHYL SULFOXIDE' 'C2 H6 O S'
EDO non-polymer 1,2-ETHANEDIOL 'C2 H6 O2'
SO4 non-polymer 'SULFATE ION' 'O4 S -2'
#
# COMPACT_ATOMS: atom_id res chain seq x y z
N ASN A 25 5.53 38.97 -11.25
CA ASN A 25 6.26 37.74 -10.81
C ASN A 25 5.37 36.52 -10.90
N MET A 26 5.95 35.37 -11.22
CA MET A 26 5.23 34.12 -11.34
C MET A 26 5.81 33.08 -10.36
N VAL A 27 4.95 32.53 -9.50
CA VAL A 27 5.37 31.46 -8.58
C VAL A 27 5.63 30.15 -9.32
N GLU A 28 6.51 29.32 -8.79
CA GLU A 28 6.76 28.03 -9.39
C GLU A 28 5.52 27.12 -9.22
N THR A 29 4.88 26.79 -10.34
CA THR A 29 3.66 25.98 -10.35
C THR A 29 3.95 24.49 -10.19
N GLU A 30 5.16 24.07 -10.55
CA GLU A 30 5.55 22.67 -10.38
C GLU A 30 5.77 22.35 -8.91
N PRO A 31 5.46 21.11 -8.48
CA PRO A 31 5.72 20.74 -7.11
C PRO A 31 7.22 20.58 -6.86
N VAL A 32 7.57 20.45 -5.59
CA VAL A 32 8.95 20.24 -5.22
C VAL A 32 9.47 18.95 -5.85
N GLN A 33 10.72 19.01 -6.29
CA GLN A 33 11.47 17.90 -6.86
C GLN A 33 11.04 16.53 -6.35
N GLY A 34 10.60 15.67 -7.26
CA GLY A 34 10.25 14.28 -6.92
C GLY A 34 8.97 14.08 -6.14
N CYS A 35 8.11 15.10 -6.06
CA CYS A 35 6.85 15.00 -5.33
C CYS A 35 5.67 15.20 -6.28
N ARG A 36 4.59 14.46 -6.02
CA ARG A 36 3.40 14.52 -6.87
C ARG A 36 2.30 15.42 -6.33
N ASP A 37 1.68 16.15 -7.26
CA ASP A 37 0.44 16.85 -7.05
C ASP A 37 -0.72 15.89 -7.31
N PHE A 38 -1.83 16.08 -6.62
CA PHE A 38 -3.03 15.27 -6.83
C PHE A 38 -4.25 16.17 -7.06
N PRO A 39 -4.30 16.85 -8.23
CA PRO A 39 -5.55 17.50 -8.56
C PRO A 39 -6.64 16.43 -8.74
N PRO A 40 -7.91 16.85 -8.79
CA PRO A 40 -9.06 15.94 -8.69
C PRO A 40 -8.98 14.71 -9.55
N GLU A 41 -8.61 14.90 -10.81
CA GLU A 41 -8.40 13.78 -11.73
C GLU A 41 -7.45 12.72 -11.15
N ALA A 42 -6.28 13.13 -10.67
CA ALA A 42 -5.33 12.16 -10.11
C ALA A 42 -5.81 11.66 -8.75
N MET A 43 -6.46 12.53 -7.98
CA MET A 43 -6.97 12.14 -6.66
C MET A 43 -8.00 11.02 -6.73
N ARG A 44 -8.87 11.05 -7.75
CA ARG A 44 -9.88 9.98 -7.94
C ARG A 44 -9.22 8.62 -8.13
N CYS A 45 -8.12 8.62 -8.88
CA CYS A 45 -7.38 7.40 -9.08
CA CYS A 45 -7.35 7.39 -9.08
C CYS A 45 -6.81 6.89 -7.76
N ARG A 46 -6.16 7.77 -7.01
CA ARG A 46 -5.61 7.42 -5.70
C ARG A 46 -6.70 6.92 -4.73
N ARG A 47 -7.84 7.60 -4.75
CA ARG A 47 -8.95 7.27 -3.87
C ARG A 47 -9.53 5.89 -4.21
N HIS A 48 -9.64 5.61 -5.50
CA HIS A 48 -10.06 4.30 -5.97
C HIS A 48 -9.18 3.21 -5.37
N LEU A 49 -7.88 3.46 -5.35
CA LEU A 49 -6.93 2.51 -4.78
C LEU A 49 -7.00 2.40 -3.26
N PHE A 50 -7.04 3.53 -2.57
CA PHE A 50 -7.05 3.54 -1.10
C PHE A 50 -8.36 2.93 -0.57
N ASP A 51 -9.43 3.15 -1.32
CA ASP A 51 -10.72 2.56 -0.97
C ASP A 51 -10.59 1.04 -0.95
N VAL A 52 -9.87 0.46 -1.91
CA VAL A 52 -9.60 -0.97 -1.86
C VAL A 52 -8.73 -1.36 -0.66
N PHE A 53 -7.71 -0.57 -0.36
CA PHE A 53 -6.82 -0.88 0.74
C PHE A 53 -7.60 -0.91 2.05
N HIS A 54 -8.41 0.13 2.25
CA HIS A 54 -9.28 0.20 3.42
C HIS A 54 -10.29 -0.95 3.47
N ALA A 55 -10.96 -1.20 2.35
CA ALA A 55 -11.99 -2.23 2.29
C ALA A 55 -11.41 -3.60 2.54
N THR A 56 -10.24 -3.87 1.94
CA THR A 56 -9.55 -5.14 2.17
C THR A 56 -9.19 -5.29 3.67
N ALA A 57 -8.64 -4.22 4.26
CA ALA A 57 -8.26 -4.26 5.65
C ALA A 57 -9.46 -4.56 6.56
N LYS A 58 -10.61 -3.94 6.26
CA LYS A 58 -11.82 -4.17 7.03
C LYS A 58 -12.33 -5.62 6.86
N THR A 59 -12.34 -6.10 5.63
CA THR A 59 -12.69 -7.50 5.33
C THR A 59 -11.86 -8.49 6.13
N PHE A 60 -10.57 -8.15 6.32
CA PHE A 60 -9.63 -9.03 6.99
C PHE A 60 -9.50 -8.74 8.50
N GLY A 61 -10.24 -7.75 8.99
CA GLY A 61 -10.27 -7.44 10.41
C GLY A 61 -9.06 -6.69 10.94
N PHE A 62 -8.40 -5.90 10.10
CA PHE A 62 -7.25 -5.11 10.56
C PHE A 62 -7.70 -3.75 11.09
N GLU A 63 -6.99 -3.22 12.08
CA GLU A 63 -7.30 -1.91 12.67
C GLU A 63 -6.41 -0.81 12.12
N GLU A 64 -7.00 0.33 11.84
CA GLU A 64 -6.21 1.44 11.33
C GLU A 64 -5.40 2.12 12.43
N TYR A 65 -4.19 2.54 12.07
CA TYR A 65 -3.38 3.39 12.92
C TYR A 65 -2.62 4.39 12.07
N ASP A 66 -1.93 5.31 12.74
CA ASP A 66 -1.09 6.30 12.06
C ASP A 66 -0.09 6.84 13.07
N ALA A 67 0.98 7.42 12.55
CA ALA A 67 2.04 7.99 13.34
C ALA A 67 2.68 9.14 12.55
N PRO A 68 3.56 9.92 13.19
CA PRO A 68 4.04 11.12 12.52
C PRO A 68 5.01 10.78 11.39
N VAL A 69 4.83 11.45 10.26
CA VAL A 69 5.71 11.29 9.12
C VAL A 69 7.16 11.61 9.54
N LEU A 70 7.31 12.46 10.54
CA LEU A 70 8.59 12.84 11.10
C LEU A 70 8.94 11.93 12.28
N GLU A 71 10.08 11.24 12.18
CA GLU A 71 10.55 10.35 13.22
C GLU A 71 12.01 10.64 13.49
N SER A 72 12.49 10.17 14.64
CA SER A 72 13.90 10.33 15.00
C SER A 72 14.76 9.50 14.06
N GLU A 73 15.82 10.10 13.53
CA GLU A 73 16.74 9.42 12.64
C GLU A 73 17.28 8.15 13.31
N GLU A 74 17.53 8.25 14.61
CA GLU A 74 17.99 7.12 15.43
C GLU A 74 17.15 5.86 15.21
N LEU A 75 15.87 6.02 14.95
CA LEU A 75 14.97 4.90 14.74
C LEU A 75 15.36 4.01 13.55
N TYR A 76 16.14 4.55 12.61
CA TYR A 76 16.47 3.84 11.38
C TYR A 76 17.93 3.43 11.24
N ILE A 77 18.75 3.69 12.26
CA ILE A 77 20.17 3.39 12.19
C ILE A 77 20.40 1.88 12.40
N ARG A 78 20.37 1.12 11.32
CA ARG A 78 20.47 -0.35 11.39
C ARG A 78 21.81 -0.96 10.94
N LYS A 79 22.62 -0.17 10.23
CA LYS A 79 24.01 -0.53 9.92
C LYS A 79 24.20 -1.82 9.12
N ALA A 80 23.26 -2.11 8.22
CA ALA A 80 23.31 -3.33 7.40
C ALA A 80 23.41 -3.03 5.89
N GLY A 81 23.76 -1.80 5.54
CA GLY A 81 23.87 -1.40 4.13
C GLY A 81 22.54 -1.43 3.37
N GLU A 82 21.43 -1.23 4.07
CA GLU A 82 20.12 -1.20 3.44
C GLU A 82 19.93 0.06 2.59
N GLU A 83 19.30 -0.11 1.43
CA GLU A 83 19.08 0.99 0.51
C GLU A 83 18.10 1.98 1.13
N ILE A 84 17.10 1.43 1.80
CA ILE A 84 16.05 2.20 2.46
C ILE A 84 16.60 3.23 3.47
N THR A 85 17.59 2.83 4.26
CA THR A 85 18.20 3.72 5.26
C THR A 85 19.32 4.56 4.62
N GLU A 86 20.01 4.00 3.63
CA GLU A 86 20.97 4.78 2.85
C GLU A 86 20.32 6.01 2.19
N GLN A 87 19.12 5.82 1.63
CA GLN A 87 18.41 6.89 0.93
C GLN A 87 17.44 7.68 1.83
N MET A 88 17.88 7.92 3.06
CA MET A 88 17.04 8.51 4.10
C MET A 88 16.90 10.01 3.85
N PHE A 89 15.67 10.51 3.87
CA PHE A 89 15.40 11.94 3.73
C PHE A 89 15.51 12.60 5.10
N ASN A 90 16.75 12.87 5.54
CA ASN A 90 16.95 13.35 6.89
C ASN A 90 17.41 14.81 6.95
N PHE A 91 17.23 15.42 8.10
CA PHE A 91 17.74 16.77 8.34
C PHE A 91 17.83 17.04 9.83
N ILE A 92 18.38 18.20 10.16
CA ILE A 92 18.60 18.61 11.53
C ILE A 92 17.66 19.77 11.86
N THR A 93 16.88 19.63 12.93
CA THR A 93 16.00 20.69 13.42
C THR A 93 16.84 21.90 13.86
N LYS A 94 16.18 23.03 14.10
CA LYS A 94 16.87 24.19 14.67
C LYS A 94 17.37 23.88 16.07
N GLY A 95 16.67 22.97 16.76
CA GLY A 95 17.10 22.51 18.07
C GLY A 95 18.29 21.57 18.08
N GLY A 96 18.76 21.17 16.89
CA GLY A 96 19.91 20.27 16.75
C GLY A 96 19.54 18.80 16.74
N HIS A 97 18.25 18.49 16.67
CA HIS A 97 17.77 17.09 16.69
C HIS A 97 17.76 16.46 15.29
N ARG A 98 18.35 15.28 15.20
CA ARG A 98 18.49 14.56 13.93
C ARG A 98 17.18 13.83 13.64
N VAL A 99 16.50 14.23 12.56
CA VAL A 99 15.21 13.64 12.21
C VAL A 99 15.13 13.27 10.74
N ALA A 100 14.10 12.48 10.41
CA ALA A 100 13.85 12.09 9.04
C ALA A 100 12.37 12.00 8.77
N LEU A 101 12.01 12.29 7.52
CA LEU A 101 10.75 11.83 6.97
C LEU A 101 10.89 10.33 6.79
N ARG A 102 9.97 9.58 7.37
CA ARG A 102 10.08 8.13 7.42
C ARG A 102 10.29 7.52 6.02
N PRO A 103 11.32 6.65 5.88
CA PRO A 103 11.46 5.91 4.64
C PRO A 103 10.54 4.69 4.58
N GLU A 104 10.00 4.28 5.73
CA GLU A 104 9.11 3.12 5.84
C GLU A 104 8.30 3.26 7.15
N MET A 105 7.31 2.39 7.34
CA MET A 105 6.41 2.48 8.50
C MET A 105 6.73 1.51 9.62
N THR A 106 7.46 0.46 9.30
CA THR A 106 7.62 -0.64 10.24
C THR A 106 8.33 -0.24 11.53
N PRO A 107 9.34 0.64 11.45
CA PRO A 107 9.93 1.13 12.69
C PRO A 107 8.97 1.95 13.57
N SER A 108 8.14 2.78 12.95
CA SER A 108 7.13 3.55 13.68
C SER A 108 6.13 2.59 14.37
N LEU A 109 5.69 1.58 13.63
CA LEU A 109 4.79 0.57 14.17
C LEU A 109 5.41 -0.08 15.43
N ALA A 110 6.64 -0.55 15.29
CA ALA A 110 7.35 -1.16 16.41
C ALA A 110 7.44 -0.20 17.61
N ARG A 111 7.72 1.08 17.35
CA ARG A 111 7.78 2.08 18.42
C ARG A 111 6.46 2.16 19.18
N LEU A 112 5.36 2.19 18.44
CA LEU A 112 4.02 2.16 19.04
C LEU A 112 3.78 0.87 19.85
N LEU A 113 4.18 -0.26 19.31
CA LEU A 113 3.95 -1.53 19.98
C LEU A 113 4.76 -1.59 21.26
N LEU A 114 6.04 -1.26 21.16
CA LEU A 114 6.95 -1.22 22.31
C LEU A 114 6.43 -0.22 23.36
N GLY A 115 5.88 0.90 22.89
CA GLY A 115 5.30 1.90 23.79
C GLY A 115 4.12 1.39 24.62
N LYS A 116 3.38 0.43 24.07
CA LYS A 116 2.21 -0.13 24.76
C LYS A 116 2.60 -1.21 25.76
N GLY A 117 3.53 -2.08 25.37
CA GLY A 117 4.06 -3.10 26.28
C GLY A 117 3.08 -4.24 26.55
N ARG A 118 2.92 -4.57 27.83
CA ARG A 118 2.04 -5.67 28.25
C ARG A 118 0.55 -5.28 28.08
N SER A 119 0.26 -3.97 28.06
CA SER A 119 -1.10 -3.49 27.85
C SER A 119 -1.64 -3.70 26.43
N LEU A 120 -0.77 -4.00 25.48
CA LEU A 120 -1.20 -4.36 24.13
C LEU A 120 -1.76 -5.76 24.17
N LEU A 121 -3.02 -5.93 23.75
CA LEU A 121 -3.61 -7.26 23.67
C LEU A 121 -3.20 -7.91 22.36
N LEU A 122 -2.89 -9.20 22.43
CA LEU A 122 -2.42 -9.95 21.26
C LEU A 122 -3.38 -11.09 21.00
N PRO A 123 -3.60 -11.46 19.72
CA PRO A 123 -2.90 -10.87 18.57
C PRO A 123 -3.42 -9.49 18.19
N ALA A 124 -2.61 -8.71 17.47
CA ALA A 124 -3.02 -7.42 16.97
C ALA A 124 -2.79 -7.36 15.45
N LYS A 125 -3.76 -6.81 14.73
CA LYS A 125 -3.69 -6.72 13.29
C LYS A 125 -3.91 -5.27 12.88
N TRP A 126 -2.83 -4.57 12.54
CA TRP A 126 -2.84 -3.12 12.37
C TRP A 126 -2.46 -2.77 10.94
N TYR A 127 -3.13 -1.77 10.36
CA TYR A 127 -2.83 -1.30 9.01
C TYR A 127 -2.79 0.22 8.97
N SER A 128 -2.13 0.73 7.95
CA SER A 128 -2.03 2.16 7.72
CA SER A 128 -2.02 2.16 7.71
C SER A 128 -1.70 2.39 6.24
N ILE A 129 -1.78 3.63 5.79
CA ILE A 129 -1.44 3.95 4.39
C ILE A 129 -0.55 5.19 4.40
N PRO A 130 0.64 5.12 5.03
CA PRO A 130 1.51 6.30 5.14
C PRO A 130 2.18 6.68 3.83
N GLN A 131 2.37 7.99 3.66
CA GLN A 131 3.32 8.48 2.70
C GLN A 131 4.70 8.28 3.29
N CYS A 132 5.58 7.63 2.53
CA CYS A 132 6.98 7.42 2.93
C CYS A 132 7.92 8.09 1.91
N TRP A 133 9.14 8.32 2.34
CA TRP A 133 10.03 9.28 1.71
C TRP A 133 11.42 8.70 1.46
N ARG A 134 12.05 9.19 0.40
CA ARG A 134 13.45 8.91 0.15
C ARG A 134 14.14 10.13 -0.48
N TYR A 135 15.47 10.13 -0.40
CA TYR A 135 16.29 11.15 -1.00
C TYR A 135 17.47 10.46 -1.67
N GLU A 136 17.72 10.80 -2.93
CA GLU A 136 18.87 10.27 -3.66
C GLU A 136 19.79 11.40 -4.15
N ALA A 137 20.98 11.02 -4.62
CA ALA A 137 21.86 11.97 -5.32
C ALA A 137 21.36 12.24 -6.75
N ILE A 138 20.69 11.24 -7.32
CA ILE A 138 20.09 11.33 -8.65
C ILE A 138 18.74 12.02 -8.56
N THR A 139 18.61 13.17 -9.21
CA THR A 139 17.35 13.91 -9.24
C THR A 139 16.46 13.43 -10.39
N ARG A 142 13.83 10.54 -10.37
CA ARG A 142 13.23 9.50 -9.53
C ARG A 142 12.27 10.11 -8.50
N ARG A 143 11.22 9.37 -8.16
CA ARG A 143 10.27 9.80 -7.14
C ARG A 143 10.91 9.83 -5.76
N ARG A 144 10.57 10.85 -4.99
CA ARG A 144 11.03 10.96 -3.61
C ARG A 144 9.97 10.62 -2.57
N GLU A 145 8.71 10.50 -2.99
CA GLU A 145 7.65 10.07 -2.09
C GLU A 145 6.72 9.04 -2.73
N HIS A 146 6.14 8.19 -1.89
CA HIS A 146 5.06 7.32 -2.30
C HIS A 146 4.17 6.96 -1.10
N TYR A 147 2.97 6.51 -1.40
CA TYR A 147 2.06 6.03 -0.37
C TYR A 147 2.22 4.52 -0.33
N GLN A 148 2.22 3.95 0.87
CA GLN A 148 2.50 2.54 1.03
C GLN A 148 1.52 1.94 2.01
N TRP A 149 0.63 1.11 1.50
CA TRP A 149 -0.33 0.41 2.35
C TRP A 149 0.51 -0.52 3.18
N ASN A 150 0.41 -0.45 4.51
CA ASN A 150 1.11 -1.39 5.41
C ASN A 150 0.10 -2.25 6.12
N MET A 151 0.35 -3.56 6.19
CA MET A 151 -0.48 -4.48 6.97
C MET A 151 0.45 -5.35 7.78
N ASP A 152 0.18 -5.45 9.09
CA ASP A 152 1.02 -6.24 9.99
C ASP A 152 0.22 -7.03 11.02
N ILE A 153 0.68 -8.24 11.29
CA ILE A 153 0.10 -9.09 12.30
C ILE A 153 1.13 -9.29 13.38
N VAL A 154 0.74 -8.98 14.60
CA VAL A 154 1.61 -8.97 15.74
C VAL A 154 1.12 -9.97 16.79
N GLY A 155 2.03 -10.82 17.26
CA GLY A 155 1.75 -11.75 18.35
C GLY A 155 1.42 -13.16 17.90
N VAL A 156 1.57 -13.44 16.59
CA VAL A 156 1.25 -14.73 16.02
C VAL A 156 2.53 -15.44 15.59
N LYS A 157 2.85 -16.54 16.25
CA LYS A 157 4.05 -17.33 15.97
C LYS A 157 4.00 -18.10 14.65
N SER A 158 2.82 -18.60 14.29
CA SER A 158 2.71 -19.58 13.21
C SER A 158 2.48 -18.93 11.82
N VAL A 159 2.74 -19.70 10.77
CA VAL A 159 2.66 -19.23 9.38
C VAL A 159 1.28 -18.74 8.94
N SER A 160 0.24 -19.07 9.71
CA SER A 160 -1.10 -18.51 9.51
C SER A 160 -1.13 -16.99 9.34
N ALA A 161 -0.21 -16.30 10.01
CA ALA A 161 -0.09 -14.84 9.86
C ALA A 161 0.31 -14.50 8.44
N GLU A 162 1.43 -15.07 8.00
CA GLU A 162 1.88 -14.88 6.64
C GLU A 162 0.81 -15.30 5.63
N VAL A 163 0.10 -16.39 5.91
CA VAL A 163 -0.96 -16.82 5.00
C VAL A 163 -1.95 -15.67 4.86
N GLU A 164 -2.45 -15.20 5.99
CA GLU A 164 -3.43 -14.12 6.00
C GLU A 164 -2.92 -12.85 5.28
N LEU A 165 -1.65 -12.50 5.48
CA LEU A 165 -1.10 -11.30 4.87
C LEU A 165 -1.03 -11.44 3.34
N VAL A 166 -0.52 -12.58 2.87
CA VAL A 166 -0.45 -12.85 1.44
C VAL A 166 -1.85 -12.89 0.81
N CYS A 167 -2.80 -13.57 1.46
CA CYS A 167 -4.20 -13.51 1.00
C CYS A 167 -4.75 -12.08 0.95
N ALA A 168 -4.43 -11.27 1.95
CA ALA A 168 -4.85 -9.85 1.93
C ALA A 168 -4.34 -9.12 0.72
N ALA A 169 -3.08 -9.34 0.35
CA ALA A 169 -2.52 -8.67 -0.82
C ALA A 169 -3.17 -9.10 -2.13
N CYS A 170 -3.41 -10.40 -2.28
CA CYS A 170 -4.10 -10.92 -3.44
C CYS A 170 -5.51 -10.36 -3.50
N TRP A 171 -6.20 -10.38 -2.35
CA TRP A 171 -7.57 -9.84 -2.25
C TRP A 171 -7.64 -8.42 -2.78
N ALA A 172 -6.68 -7.60 -2.36
CA ALA A 172 -6.65 -6.21 -2.82
C ALA A 172 -6.49 -6.12 -4.35
N MET A 173 -5.57 -6.90 -4.90
CA MET A 173 -5.34 -6.93 -6.34
C MET A 173 -6.55 -7.48 -7.13
N ARG A 174 -7.19 -8.52 -6.61
CA ARG A 174 -8.39 -9.05 -7.26
C ARG A 174 -9.51 -8.02 -7.20
N SER A 175 -9.61 -7.31 -6.07
CA SER A 175 -10.60 -6.25 -5.89
C SER A 175 -10.39 -5.15 -6.92
N LEU A 176 -9.15 -4.91 -7.29
CA LEU A 176 -8.83 -3.91 -8.32
C LEU A 176 -9.07 -4.42 -9.74
N GLY A 177 -9.45 -5.68 -9.90
CA GLY A 177 -9.82 -6.21 -11.18
C GLY A 177 -8.76 -7.08 -11.81
N LEU A 178 -7.63 -7.30 -11.12
CA LEU A 178 -6.58 -8.20 -11.61
C LEU A 178 -6.92 -9.64 -11.30
N SER A 179 -6.35 -10.56 -12.07
CA SER A 179 -6.55 -12.00 -11.87
C SER A 179 -5.21 -12.68 -11.63
N SER A 180 -5.26 -13.99 -11.41
CA SER A 180 -4.05 -14.76 -11.13
C SER A 180 -3.25 -15.01 -12.41
N LYS A 181 -3.87 -14.73 -13.55
CA LYS A 181 -3.16 -14.65 -14.81
C LYS A 181 -2.33 -13.36 -14.91
N ASP A 182 -2.76 -12.30 -14.25
CA ASP A 182 -2.06 -11.01 -14.32
C ASP A 182 -0.85 -10.88 -13.39
N VAL A 183 -0.96 -11.47 -12.20
CA VAL A 183 0.00 -11.24 -11.13
C VAL A 183 0.13 -12.47 -10.26
N GLY A 184 1.15 -12.45 -9.42
CA GLY A 184 1.34 -13.48 -8.41
C GLY A 184 2.10 -12.93 -7.22
N ILE A 185 2.27 -13.78 -6.22
CA ILE A 185 3.13 -13.48 -5.09
C ILE A 185 4.07 -14.67 -4.96
N LYS A 186 5.37 -14.39 -5.05
CA LYS A 186 6.37 -15.43 -4.93
C LYS A 186 6.91 -15.42 -3.50
N VAL A 187 7.20 -16.61 -2.99
CA VAL A 187 7.39 -16.81 -1.55
C VAL A 187 8.64 -17.64 -1.25
N ASN A 188 9.31 -17.31 -0.16
CA ASN A 188 10.51 -18.03 0.28
C ASN A 188 10.63 -17.92 1.80
N SER A 189 11.65 -18.52 2.38
CA SER A 189 12.00 -18.33 3.78
C SER A 189 13.51 -18.15 3.90
N ARG A 190 13.92 -17.16 4.69
CA ARG A 190 15.32 -16.87 4.92
C ARG A 190 16.07 -17.92 5.74
N LYS A 191 15.31 -18.75 6.46
CA LYS A 191 15.91 -19.78 7.34
C LYS A 191 16.76 -20.81 6.60
N VAL A 192 16.40 -21.07 5.35
CA VAL A 192 17.18 -21.98 4.51
C VAL A 192 18.61 -21.45 4.39
N LEU A 193 18.71 -20.19 4.01
CA LEU A 193 19.99 -19.54 3.84
C LEU A 193 20.69 -19.33 5.18
N GLN A 194 19.92 -18.93 6.20
CA GLN A 194 20.40 -18.84 7.58
C GLN A 194 21.24 -20.06 7.95
N THR A 195 20.68 -21.25 7.68
CA THR A 195 21.38 -22.52 7.90
C THR A 195 22.70 -22.57 7.16
N VAL A 196 22.66 -22.30 5.86
CA VAL A 196 23.86 -22.38 5.02
C VAL A 196 24.95 -21.48 5.59
N VAL A 197 24.58 -20.23 5.89
CA VAL A 197 25.53 -19.24 6.43
C VAL A 197 26.12 -19.72 7.76
N GLU A 198 25.25 -20.14 8.67
CA GLU A 198 25.69 -20.63 9.98
C GLU A 198 26.50 -21.91 9.86
N GLN A 199 26.04 -22.87 9.07
CA GLN A 199 26.80 -24.13 8.84
C GLN A 199 28.14 -23.90 8.13
N ALA A 200 28.25 -22.80 7.39
CA ALA A 200 29.50 -22.44 6.71
C ALA A 200 30.49 -21.71 7.63
N GLY A 201 30.17 -21.57 8.91
CA GLY A 201 31.08 -20.98 9.88
C GLY A 201 31.08 -19.46 9.93
N VAL A 202 30.08 -18.84 9.30
CA VAL A 202 29.93 -17.39 9.35
C VAL A 202 29.02 -17.03 10.52
N THR A 203 29.51 -16.16 11.40
CA THR A 203 28.75 -15.76 12.59
C THR A 203 27.47 -15.06 12.16
N SER A 204 26.41 -15.28 12.92
CA SER A 204 25.07 -14.84 12.52
C SER A 204 24.93 -13.33 12.31
N ASP A 205 25.85 -12.55 12.88
CA ASP A 205 25.89 -11.09 12.65
C ASP A 205 26.06 -10.70 11.17
N LYS A 206 26.73 -11.55 10.40
CA LYS A 206 26.92 -11.31 8.97
C LYS A 206 25.66 -11.58 8.14
N PHE A 207 24.72 -12.34 8.71
CA PHE A 207 23.55 -12.86 7.99
C PHE A 207 22.64 -11.79 7.37
N ALA A 208 22.27 -10.80 8.17
CA ALA A 208 21.41 -9.71 7.67
C ALA A 208 22.09 -8.92 6.55
N PRO A 209 23.35 -8.48 6.77
CA PRO A 209 24.15 -7.89 5.68
C PRO A 209 24.18 -8.74 4.41
N VAL A 210 24.26 -10.06 4.57
CA VAL A 210 24.28 -11.00 3.44
C VAL A 210 22.97 -10.96 2.66
N CYS A 211 21.85 -11.09 3.37
CA CYS A 211 20.53 -10.93 2.75
C CYS A 211 20.42 -9.63 1.97
N VAL A 212 20.94 -8.55 2.56
CA VAL A 212 20.93 -7.23 1.92
C VAL A 212 21.72 -7.28 0.60
N ILE A 213 22.87 -7.91 0.62
CA ILE A 213 23.70 -8.04 -0.59
C ILE A 213 23.03 -8.95 -1.61
N VAL A 214 22.60 -10.13 -1.18
CA VAL A 214 21.98 -11.13 -2.04
C VAL A 214 20.67 -10.66 -2.66
N ASP A 215 19.97 -9.76 -1.98
CA ASP A 215 18.78 -9.13 -2.55
C ASP A 215 19.11 -8.43 -3.86
N LYS A 216 20.30 -7.86 -3.95
CA LYS A 216 20.75 -7.17 -5.16
C LYS A 216 21.05 -8.14 -6.30
N MET A 217 21.25 -9.42 -5.97
CA MET A 217 21.52 -10.48 -6.96
C MET A 217 20.67 -10.33 -8.22
N GLU A 218 19.36 -10.24 -8.02
CA GLU A 218 18.42 -10.11 -9.14
C GLU A 218 18.89 -9.12 -10.21
N LYS A 219 19.02 -7.85 -9.83
CA LYS A 219 19.13 -6.74 -10.79
C LYS A 219 20.51 -6.10 -10.98
N ILE A 220 21.58 -6.72 -10.49
CA ILE A 220 22.95 -6.27 -10.83
C ILE A 220 23.84 -7.48 -11.17
N PRO A 221 25.02 -7.26 -11.77
CA PRO A 221 25.87 -8.40 -12.12
C PRO A 221 26.27 -9.25 -10.93
N ARG A 222 26.32 -10.56 -11.15
CA ARG A 222 26.72 -11.53 -10.15
C ARG A 222 28.15 -11.29 -9.65
N GLU A 223 29.04 -10.90 -10.57
CA GLU A 223 30.41 -10.52 -10.20
C GLU A 223 30.40 -9.43 -9.13
N GLU A 224 29.54 -8.42 -9.32
CA GLU A 224 29.44 -7.29 -8.40
C GLU A 224 28.85 -7.71 -7.06
N VAL A 225 27.95 -8.69 -7.07
CA VAL A 225 27.35 -9.22 -5.83
C VAL A 225 28.34 -10.13 -5.10
N GLU A 226 28.98 -11.03 -5.83
CA GLU A 226 30.02 -11.90 -5.27
C GLU A 226 31.14 -11.08 -4.64
N ALA A 227 31.50 -9.99 -5.30
CA ALA A 227 32.49 -9.06 -4.77
C ALA A 227 32.07 -8.55 -3.39
N GLN A 228 30.84 -8.05 -3.28
CA GLN A 228 30.32 -7.49 -2.02
C GLN A 228 30.33 -8.49 -0.87
N LEU A 229 30.01 -9.75 -1.16
CA LEU A 229 30.00 -10.79 -0.13
C LEU A 229 31.43 -11.10 0.34
N ALA A 230 32.37 -11.15 -0.61
CA ALA A 230 33.79 -11.32 -0.27
C ALA A 230 34.28 -10.19 0.63
N VAL A 231 33.80 -8.98 0.38
CA VAL A 231 34.09 -7.81 1.23
C VAL A 231 33.73 -8.10 2.70
N LEU A 232 32.60 -8.76 2.93
CA LEU A 232 32.19 -9.15 4.29
C LEU A 232 33.09 -10.20 4.96
N GLY A 233 33.94 -10.85 4.17
CA GLY A 233 34.92 -11.81 4.68
C GLY A 233 34.51 -13.26 4.52
N LEU A 234 33.60 -13.53 3.58
CA LEU A 234 33.13 -14.88 3.33
C LEU A 234 33.90 -15.49 2.17
N GLU A 235 34.28 -16.76 2.32
CA GLU A 235 35.14 -17.43 1.35
C GLU A 235 34.32 -17.78 0.09
N PRO A 236 35.01 -18.04 -1.05
CA PRO A 236 34.33 -18.41 -2.30
C PRO A 236 33.44 -19.66 -2.21
N THR A 237 33.82 -20.62 -1.37
CA THR A 237 33.07 -21.85 -1.18
C THR A 237 31.73 -21.59 -0.48
N VAL A 238 31.72 -20.60 0.42
CA VAL A 238 30.53 -20.21 1.16
C VAL A 238 29.60 -19.44 0.23
N VAL A 239 30.20 -18.55 -0.56
CA VAL A 239 29.50 -17.81 -1.61
C VAL A 239 28.83 -18.78 -2.58
N ASP A 240 29.52 -19.87 -2.90
CA ASP A 240 29.03 -20.88 -3.81
C ASP A 240 27.71 -21.48 -3.33
N ALA A 241 27.70 -21.97 -2.10
CA ALA A 241 26.51 -22.59 -1.51
C ALA A 241 25.30 -21.63 -1.56
N ILE A 242 25.55 -20.38 -1.25
CA ILE A 242 24.50 -19.35 -1.28
C ILE A 242 23.87 -19.26 -2.68
N THR A 243 24.70 -19.07 -3.70
CA THR A 243 24.21 -18.96 -5.07
C THR A 243 23.41 -20.18 -5.50
N THR A 244 23.91 -21.36 -5.17
CA THR A 244 23.24 -22.61 -5.52
C THR A 244 21.85 -22.67 -4.91
N THR A 245 21.75 -22.39 -3.63
CA THR A 245 20.47 -22.46 -2.93
C THR A 245 19.47 -21.41 -3.45
N LEU A 246 19.96 -20.26 -3.92
CA LEU A 246 19.10 -19.27 -4.55
C LEU A 246 18.46 -19.77 -5.85
N SER A 247 19.13 -20.68 -6.54
CA SER A 247 18.67 -21.14 -7.84
C SER A 247 17.89 -22.47 -7.78
N LEU A 248 17.68 -23.01 -6.58
CA LEU A 248 16.88 -24.22 -6.40
C LEU A 248 15.42 -23.89 -6.73
N LYS A 249 14.79 -24.69 -7.58
CA LYS A 249 13.50 -24.30 -8.18
C LYS A 249 12.26 -24.84 -7.46
N SER A 250 12.43 -25.74 -6.49
CA SER A 250 11.27 -26.35 -5.81
C SER A 250 11.52 -26.60 -4.34
N ILE A 251 10.43 -26.78 -3.60
CA ILE A 251 10.52 -27.04 -2.16
C ILE A 251 11.15 -28.41 -1.92
N ASP A 252 10.89 -29.37 -2.81
CA ASP A 252 11.49 -30.70 -2.69
C ASP A 252 13.01 -30.62 -2.80
N GLU A 253 13.51 -29.81 -3.73
CA GLU A 253 14.95 -29.63 -3.88
C GLU A 253 15.57 -28.95 -2.66
N ILE A 254 14.84 -28.03 -2.04
CA ILE A 254 15.24 -27.49 -0.74
C ILE A 254 15.24 -28.63 0.30
N ALA A 255 14.17 -29.42 0.32
CA ALA A 255 14.08 -30.54 1.27
C ALA A 255 15.27 -31.49 1.16
N GLN A 256 15.66 -31.83 -0.08
CA GLN A 256 16.85 -32.65 -0.31
C GLN A 256 18.11 -32.01 0.24
N ARG A 257 18.15 -30.68 0.19
CA ARG A 257 19.31 -29.92 0.62
C ARG A 257 19.43 -29.84 2.14
N VAL A 258 18.32 -29.54 2.82
CA VAL A 258 18.35 -29.30 4.28
C VAL A 258 17.47 -30.24 5.12
N GLY A 259 16.81 -31.21 4.48
CA GLY A 259 15.92 -32.14 5.18
C GLY A 259 14.46 -31.79 5.01
N GLU A 260 13.59 -32.79 5.11
CA GLU A 260 12.14 -32.59 4.99
C GLU A 260 11.50 -31.94 6.22
N GLU A 261 12.16 -32.02 7.36
CA GLU A 261 11.68 -31.34 8.57
C GLU A 261 12.58 -30.22 9.09
N HIS A 262 13.44 -29.68 8.22
CA HIS A 262 14.01 -28.36 8.48
C HIS A 262 12.79 -27.48 8.56
N GLU A 263 12.76 -26.61 9.56
CA GLU A 263 11.50 -25.92 9.88
C GLU A 263 11.02 -25.09 8.70
N ALA A 264 11.95 -24.54 7.93
CA ALA A 264 11.64 -23.89 6.64
C ALA A 264 10.69 -24.72 5.74
N VAL A 265 10.97 -26.00 5.57
CA VAL A 265 10.16 -26.86 4.69
C VAL A 265 8.73 -27.02 5.24
N LYS A 266 8.62 -27.45 6.50
CA LYS A 266 7.33 -27.59 7.17
C LYS A 266 6.50 -26.32 7.07
N GLU A 267 7.14 -25.19 7.30
CA GLU A 267 6.46 -23.90 7.30
C GLU A 267 5.95 -23.51 5.93
N LEU A 268 6.81 -23.61 4.92
CA LEU A 268 6.40 -23.32 3.54
C LEU A 268 5.29 -24.27 3.08
N ARG A 269 5.39 -25.55 3.42
CA ARG A 269 4.32 -26.48 3.09
C ARG A 269 3.01 -26.09 3.77
N GLN A 270 3.08 -25.73 5.04
CA GLN A 270 1.89 -25.29 5.77
C GLN A 270 1.31 -24.03 5.14
N PHE A 271 2.20 -23.10 4.81
CA PHE A 271 1.81 -21.86 4.14
C PHE A 271 1.06 -22.12 2.83
N PHE A 272 1.67 -22.89 1.95
CA PHE A 272 1.05 -23.21 0.68
C PHE A 272 -0.26 -23.99 0.86
N GLU A 273 -0.27 -24.94 1.80
CA GLU A 273 -1.50 -25.68 2.07
C GLU A 273 -2.65 -24.75 2.51
N GLN A 274 -2.36 -23.82 3.41
CA GLN A 274 -3.38 -22.91 3.92
C GLN A 274 -3.87 -21.93 2.84
N VAL A 275 -2.94 -21.41 2.04
CA VAL A 275 -3.34 -20.52 0.94
C VAL A 275 -4.23 -21.26 -0.06
N GLU A 276 -3.91 -22.52 -0.34
CA GLU A 276 -4.70 -23.35 -1.25
C GLU A 276 -6.11 -23.53 -0.70
N ALA A 277 -6.23 -23.79 0.60
CA ALA A 277 -7.53 -23.96 1.25
C ALA A 277 -8.38 -22.68 1.28
N TYR A 278 -7.74 -21.51 1.26
CA TYR A 278 -8.47 -20.24 1.19
C TYR A 278 -8.94 -19.93 -0.25
N GLY A 279 -8.37 -20.64 -1.23
CA GLY A 279 -8.77 -20.53 -2.63
C GLY A 279 -7.92 -19.59 -3.47
N TYR A 280 -6.70 -19.31 -3.01
CA TYR A 280 -5.80 -18.40 -3.73
C TYR A 280 -4.53 -19.14 -4.13
N GLY A 281 -4.65 -20.44 -4.34
CA GLY A 281 -3.50 -21.27 -4.73
C GLY A 281 -2.88 -20.87 -6.05
N ASP A 282 -3.68 -20.43 -7.01
CA ASP A 282 -3.16 -20.02 -8.31
C ASP A 282 -2.39 -18.69 -8.23
N TRP A 283 -2.57 -17.95 -7.14
CA TRP A 283 -1.88 -16.65 -6.95
C TRP A 283 -0.46 -16.74 -6.39
N VAL A 284 -0.05 -17.89 -5.84
CA VAL A 284 1.19 -17.98 -5.06
C VAL A 284 2.13 -19.07 -5.58
N LEU A 285 3.43 -18.87 -5.38
CA LEU A 285 4.44 -19.86 -5.77
C LEU A 285 5.73 -19.72 -4.98
N PHE A 286 6.59 -20.72 -5.10
CA PHE A 286 7.87 -20.70 -4.43
C PHE A 286 8.96 -20.12 -5.30
N ASP A 287 9.82 -19.29 -4.72
CA ASP A 287 11.00 -18.79 -5.43
C ASP A 287 12.15 -18.60 -4.46
N ALA A 288 13.14 -19.48 -4.54
CA ALA A 288 14.29 -19.47 -3.64
C ALA A 288 15.16 -18.22 -3.74
N SER A 289 14.94 -17.38 -4.75
CA SER A 289 15.76 -16.18 -4.91
C SER A 289 15.19 -14.97 -4.19
N VAL A 290 13.96 -15.08 -3.68
CA VAL A 290 13.33 -13.98 -2.99
C VAL A 290 13.86 -13.85 -1.55
N VAL A 291 14.51 -12.73 -1.26
CA VAL A 291 14.99 -12.46 0.09
C VAL A 291 14.58 -11.12 0.67
N ARG A 292 14.31 -10.14 -0.20
CA ARG A 292 14.01 -8.77 0.19
C ARG A 292 15.27 -8.06 0.71
N GLY A 293 15.21 -6.73 0.72
CA GLY A 293 16.36 -5.88 1.02
C GLY A 293 16.45 -5.42 2.46
N LEU A 294 15.50 -5.81 3.29
CA LEU A 294 15.46 -5.34 4.68
C LEU A 294 16.17 -6.29 5.63
N ALA A 295 16.88 -5.71 6.58
CA ALA A 295 17.71 -6.47 7.51
C ALA A 295 16.89 -7.41 8.37
N TYR A 296 15.69 -6.97 8.77
CA TYR A 296 15.01 -7.58 9.91
C TYR A 296 14.14 -8.80 9.62
N TYR A 297 14.00 -9.21 8.35
CA TYR A 297 13.21 -10.40 8.08
C TYR A 297 13.96 -11.64 8.57
N THR A 298 13.27 -12.47 9.34
CA THR A 298 13.83 -13.68 9.94
C THR A 298 13.33 -14.99 9.32
N GLY A 299 12.12 -14.97 8.73
CA GLY A 299 11.47 -16.19 8.26
C GLY A 299 10.95 -16.06 6.85
N ILE A 300 9.67 -16.36 6.66
CA ILE A 300 9.03 -16.26 5.35
C ILE A 300 9.09 -14.82 4.84
N VAL A 301 9.42 -14.69 3.56
CA VAL A 301 9.45 -13.40 2.86
C VAL A 301 8.73 -13.59 1.53
N PHE A 302 8.11 -12.54 1.03
CA PHE A 302 7.32 -12.61 -0.19
C PHE A 302 7.27 -11.29 -0.92
N GLU A 303 6.86 -11.37 -2.18
CA GLU A 303 6.94 -10.26 -3.10
C GLU A 303 5.93 -10.42 -4.23
N GLY A 304 5.11 -9.41 -4.47
CA GLY A 304 4.12 -9.45 -5.54
C GLY A 304 4.78 -9.09 -6.85
N PHE A 305 4.31 -9.69 -7.93
CA PHE A 305 4.91 -9.40 -9.24
C PHE A 305 3.89 -9.52 -10.35
N ASP A 306 4.19 -8.89 -11.48
CA ASP A 306 3.38 -9.05 -12.68
C ASP A 306 3.91 -10.21 -13.50
N ARG A 307 2.99 -11.07 -13.95
CA ARG A 307 3.36 -12.26 -14.72
C ARG A 307 3.83 -11.99 -16.16
N GLU A 308 3.85 -10.74 -16.60
CA GLU A 308 4.49 -10.41 -17.89
C GLU A 308 5.93 -9.91 -17.73
N GLY A 309 6.44 -9.86 -16.51
CA GLY A 309 7.83 -9.48 -16.27
C GLY A 309 8.14 -8.05 -16.70
N LYS A 310 7.17 -7.17 -16.55
CA LYS A 310 7.27 -5.80 -17.05
C LYS A 310 7.47 -4.73 -16.00
N PHE A 311 7.08 -4.98 -14.76
CA PHE A 311 7.08 -3.96 -13.71
C PHE A 311 7.93 -4.39 -12.53
N ARG A 312 8.30 -3.45 -11.68
CA ARG A 312 9.00 -3.75 -10.43
C ARG A 312 8.04 -4.41 -9.44
N ALA A 313 8.52 -4.75 -8.26
CA ALA A 313 7.70 -5.45 -7.27
C ALA A 313 6.47 -4.62 -6.88
N LEU A 314 5.30 -5.27 -6.85
CA LEU A 314 4.03 -4.60 -6.53
C LEU A 314 3.86 -4.44 -5.02
N CYS A 315 4.42 -5.38 -4.27
CA CYS A 315 4.36 -5.34 -2.83
C CYS A 315 5.44 -6.26 -2.30
N GLY A 316 5.69 -6.17 -1.01
CA GLY A 316 6.78 -6.92 -0.41
C GLY A 316 6.64 -6.98 1.10
N GLY A 317 6.99 -8.11 1.68
CA GLY A 317 6.85 -8.28 3.12
C GLY A 317 7.54 -9.52 3.64
N GLY A 318 7.29 -9.82 4.91
CA GLY A 318 7.81 -11.01 5.53
C GLY A 318 7.66 -11.03 7.04
N ARG A 319 8.22 -12.06 7.65
CA ARG A 319 8.23 -12.23 9.09
C ARG A 319 9.48 -11.60 9.67
N TYR A 320 9.31 -10.90 10.78
CA TYR A 320 10.43 -10.26 11.47
C TYR A 320 10.27 -10.40 13.00
N ASP A 321 10.73 -11.54 13.52
CA ASP A 321 10.48 -11.93 14.92
C ASP A 321 11.43 -11.32 15.95
N ASN A 322 12.50 -10.67 15.49
CA ASN A 322 13.53 -10.14 16.37
C ASN A 322 13.56 -8.62 16.52
N LEU A 323 12.85 -7.91 15.64
CA LEU A 323 12.92 -6.46 15.62
C LEU A 323 12.59 -5.85 16.98
N LEU A 324 11.51 -6.32 17.60
CA LEU A 324 11.11 -5.72 18.85
C LEU A 324 12.14 -5.98 19.95
N THR A 325 12.72 -7.17 19.95
CA THR A 325 13.82 -7.50 20.86
C THR A 325 14.97 -6.53 20.62
N THR A 326 15.35 -6.39 19.36
CA THR A 326 16.29 -5.39 18.90
C THR A 326 16.01 -3.96 19.43
N TYR A 327 14.74 -3.57 19.53
CA TYR A 327 14.36 -2.25 20.05
C TYR A 327 14.35 -2.15 21.58
N GLY A 328 14.69 -3.23 22.27
CA GLY A 328 14.69 -3.25 23.73
C GLY A 328 13.46 -3.87 24.40
N SER A 329 12.59 -4.55 23.63
CA SER A 329 11.46 -5.27 24.21
C SER A 329 11.98 -6.35 25.14
N PRO A 330 11.47 -6.39 26.40
CA PRO A 330 12.00 -7.40 27.31
C PRO A 330 11.51 -8.81 26.99
N THR A 331 10.54 -8.96 26.10
CA THR A 331 10.15 -10.28 25.64
C THR A 331 9.97 -10.28 24.12
N PRO A 332 10.36 -11.39 23.46
CA PRO A 332 10.27 -11.40 22.00
C PRO A 332 8.82 -11.33 21.54
N ILE A 333 8.58 -10.49 20.54
CA ILE A 333 7.25 -10.33 19.99
C ILE A 333 7.28 -10.73 18.52
N PRO A 334 6.57 -11.83 18.17
CA PRO A 334 6.51 -12.23 16.78
C PRO A 334 5.74 -11.19 15.95
N CYS A 335 6.18 -10.93 14.73
CA CYS A 335 5.51 -10.01 13.82
C CYS A 335 5.71 -10.45 12.39
N ALA A 336 4.78 -10.09 11.53
CA ALA A 336 4.92 -10.25 10.09
C ALA A 336 4.04 -9.22 9.42
N GLY A 337 4.44 -8.78 8.22
CA GLY A 337 3.64 -7.83 7.48
C GLY A 337 4.20 -7.57 6.10
N PHE A 338 3.57 -6.64 5.40
CA PHE A 338 4.03 -6.18 4.12
C PHE A 338 3.70 -4.71 3.91
N GLY A 339 4.32 -4.16 2.89
CA GLY A 339 4.01 -2.85 2.39
C GLY A 339 3.67 -3.01 0.92
N PHE A 340 2.79 -2.15 0.43
CA PHE A 340 2.20 -2.26 -0.91
C PHE A 340 2.14 -0.84 -1.43
N GLY A 341 3.05 -0.51 -2.33
CA GLY A 341 3.19 0.85 -2.84
C GLY A 341 2.05 1.30 -3.74
N ASP A 342 1.92 2.62 -3.90
CA ASP A 342 0.85 3.16 -4.69
C ASP A 342 1.20 3.41 -6.16
N CYS A 343 2.45 3.28 -6.56
CA CYS A 343 2.87 3.72 -7.88
C CYS A 343 2.90 2.61 -8.94
N VAL A 344 3.51 1.49 -8.60
CA VAL A 344 3.68 0.41 -9.56
C VAL A 344 2.32 -0.21 -9.88
N ILE A 345 1.54 -0.52 -8.84
CA ILE A 345 0.19 -1.06 -9.02
C ILE A 345 -0.66 -0.23 -9.97
N VAL A 346 -0.51 1.09 -9.91
CA VAL A 346 -1.29 1.99 -10.75
C VAL A 346 -0.86 1.94 -12.23
N GLU A 347 0.45 1.85 -12.48
CA GLU A 347 0.95 1.66 -13.84
C GLU A 347 0.43 0.34 -14.39
N LEU A 348 0.50 -0.72 -13.58
CA LEU A 348 0.00 -1.99 -14.02
C LEU A 348 -1.48 -1.87 -14.37
N LEU A 349 -2.27 -1.28 -13.48
CA LEU A 349 -3.71 -1.14 -13.74
C LEU A 349 -4.00 -0.34 -15.02
N GLN A 350 -3.23 0.72 -15.25
CA GLN A 350 -3.35 1.52 -16.48
C GLN A 350 -3.06 0.69 -17.71
N GLU A 351 -1.93 -0.03 -17.70
CA GLU A 351 -1.60 -0.95 -18.80
C GLU A 351 -2.74 -1.93 -19.07
N LYS A 352 -3.30 -2.51 -18.00
CA LYS A 352 -4.38 -3.49 -18.11
C LYS A 352 -5.73 -2.86 -18.35
N ARG A 353 -5.78 -1.53 -18.46
CA ARG A 353 -7.02 -0.80 -18.72
C ARG A 353 -8.07 -1.07 -17.63
N LEU A 354 -7.60 -1.14 -16.39
CA LEU A 354 -8.48 -1.33 -15.24
C LEU A 354 -8.66 -0.05 -14.43
N LEU A 355 -8.28 1.11 -14.98
CA LEU A 355 -8.50 2.40 -14.33
C LEU A 355 -9.26 3.33 -15.24
N PRO A 356 -10.53 3.02 -15.52
CA PRO A 356 -11.33 3.97 -16.29
C PRO A 356 -11.57 5.24 -15.47
N ASP A 357 -11.37 6.41 -16.09
CA ASP A 357 -11.76 7.66 -15.45
C ASP A 357 -13.28 7.65 -15.28
N ILE A 358 -13.72 7.47 -14.05
CA ILE A 358 -15.06 7.84 -13.66
C ILE A 358 -14.94 9.30 -13.21
N PRO A 359 -15.66 10.20 -13.89
CA PRO A 359 -15.49 11.60 -13.52
C PRO A 359 -16.15 11.90 -12.19
N HIS A 360 -15.92 13.09 -11.68
CA HIS A 360 -16.63 13.60 -10.52
C HIS A 360 -18.15 13.68 -10.84
N VAL A 361 -18.97 13.26 -9.89
CA VAL A 361 -20.42 13.27 -10.08
C VAL A 361 -21.15 13.74 -8.82
N VAL A 362 -22.38 14.21 -9.04
CA VAL A 362 -23.31 14.57 -7.99
C VAL A 362 -24.69 14.02 -8.40
N ASP A 363 -25.59 13.94 -7.43
CA ASP A 363 -26.94 13.48 -7.70
C ASP A 363 -27.71 14.59 -8.41
N ASP A 364 -27.87 15.72 -7.72
CA ASP A 364 -28.76 16.81 -8.12
C ASP A 364 -28.04 18.14 -8.27
N VAL A 365 -28.48 18.91 -9.26
CA VAL A 365 -28.09 20.30 -9.35
C VAL A 365 -29.35 21.16 -9.25
N VAL A 366 -29.36 22.07 -8.28
CA VAL A 366 -30.48 22.95 -8.04
C VAL A 366 -30.21 24.25 -8.78
N ILE A 367 -31.18 24.68 -9.57
CA ILE A 367 -31.03 25.81 -10.47
C ILE A 367 -32.10 26.85 -10.15
N PRO A 368 -31.69 28.00 -9.56
CA PRO A 368 -32.65 29.09 -9.43
C PRO A 368 -33.01 29.57 -10.83
N PHE A 369 -34.27 29.87 -11.08
CA PHE A 369 -34.71 30.36 -12.37
C PHE A 369 -34.04 31.71 -12.65
N ASP A 370 -33.97 32.54 -11.62
CA ASP A 370 -33.22 33.77 -11.65
C ASP A 370 -32.82 34.05 -10.21
N GLU A 371 -32.18 35.19 -9.96
CA GLU A 371 -31.65 35.48 -8.63
C GLU A 371 -32.74 35.68 -7.58
N SER A 372 -33.93 36.10 -8.00
CA SER A 372 -35.06 36.24 -7.08
C SER A 372 -35.50 34.91 -6.49
N MET A 373 -35.18 33.80 -7.17
CA MET A 373 -35.50 32.45 -6.68
C MET A 373 -34.41 31.80 -5.85
N ARG A 374 -33.32 32.52 -5.57
CA ARG A 374 -32.18 31.94 -4.86
C ARG A 374 -32.55 31.42 -3.44
N PRO A 375 -33.31 32.20 -2.66
CA PRO A 375 -33.69 31.73 -1.33
C PRO A 375 -34.56 30.47 -1.38
N HIS A 376 -35.50 30.45 -2.29
CA HIS A 376 -36.32 29.28 -2.48
C HIS A 376 -35.44 28.09 -2.87
N ALA A 377 -34.51 28.31 -3.78
CA ALA A 377 -33.61 27.25 -4.27
C ALA A 377 -32.68 26.70 -3.18
N LEU A 378 -32.25 27.59 -2.29
CA LEU A 378 -31.49 27.19 -1.12
C LEU A 378 -32.27 26.26 -0.22
N ALA A 379 -33.53 26.59 0.04
CA ALA A 379 -34.36 25.75 0.88
C ALA A 379 -34.50 24.37 0.25
N VAL A 380 -34.61 24.33 -1.08
CA VAL A 380 -34.70 23.07 -1.81
C VAL A 380 -33.39 22.29 -1.67
N LEU A 381 -32.27 22.99 -1.80
CA LEU A 381 -30.95 22.40 -1.62
C LEU A 381 -30.84 21.74 -0.23
N ARG A 382 -31.21 22.49 0.80
CA ARG A 382 -31.24 21.97 2.18
C ARG A 382 -31.96 20.61 2.24
N ARG A 383 -33.19 20.60 1.72
CA ARG A 383 -34.03 19.39 1.71
C ARG A 383 -33.36 18.18 1.05
N LEU A 384 -32.81 18.38 -0.14
CA LEU A 384 -32.16 17.30 -0.87
C LEU A 384 -30.96 16.75 -0.08
N ARG A 385 -30.12 17.64 0.43
CA ARG A 385 -28.97 17.24 1.22
C ARG A 385 -29.37 16.58 2.54
N ASP A 386 -30.46 17.04 3.15
CA ASP A 386 -31.00 16.42 4.38
C ASP A 386 -31.39 14.98 4.12
N ALA A 387 -31.79 14.68 2.89
CA ALA A 387 -32.21 13.35 2.51
C ALA A 387 -31.02 12.47 2.09
N GLY A 388 -29.80 12.98 2.23
CA GLY A 388 -28.59 12.19 1.94
C GLY A 388 -28.13 12.30 0.49
N ARG A 389 -28.69 13.23 -0.26
CA ARG A 389 -28.24 13.39 -1.63
C ARG A 389 -27.05 14.34 -1.71
N SER A 390 -26.18 14.07 -2.68
CA SER A 390 -25.12 14.98 -3.05
C SER A 390 -25.71 15.99 -4.03
N ALA A 391 -25.61 17.27 -3.71
CA ALA A 391 -26.25 18.29 -4.52
C ALA A 391 -25.49 19.60 -4.55
N ASP A 392 -25.42 20.18 -5.75
CA ASP A 392 -24.93 21.54 -5.93
C ASP A 392 -26.09 22.50 -6.14
N ILE A 393 -25.80 23.78 -5.89
CA ILE A 393 -26.64 24.87 -6.35
C ILE A 393 -25.79 25.79 -7.24
N ILE A 394 -26.39 26.30 -8.31
CA ILE A 394 -25.69 27.25 -9.17
C ILE A 394 -25.43 28.50 -8.33
N LEU A 395 -24.17 28.87 -8.19
CA LEU A 395 -23.76 29.95 -7.29
C LEU A 395 -23.69 31.32 -7.95
N ASP A 396 -23.25 31.35 -9.20
CA ASP A 396 -23.21 32.59 -9.99
C ASP A 396 -24.57 32.91 -10.61
N LYS A 397 -24.72 34.16 -11.02
CA LYS A 397 -25.82 34.53 -11.89
C LYS A 397 -25.60 33.88 -13.26
N LYS A 398 -26.53 33.03 -13.69
CA LYS A 398 -26.52 32.58 -15.09
C LYS A 398 -27.84 32.13 -15.71
N LYS A 399 -27.80 32.06 -17.04
CA LYS A 399 -28.90 31.57 -17.83
C LYS A 399 -29.14 30.10 -17.52
N VAL A 400 -30.41 29.71 -17.62
CA VAL A 400 -30.81 28.33 -17.40
C VAL A 400 -29.98 27.36 -18.27
N VAL A 401 -29.76 27.70 -19.53
CA VAL A 401 -29.02 26.82 -20.43
C VAL A 401 -27.59 26.56 -19.93
N GLN A 402 -26.96 27.59 -19.39
CA GLN A 402 -25.62 27.45 -18.84
C GLN A 402 -25.64 26.57 -17.60
N ALA A 403 -26.70 26.71 -16.81
CA ALA A 403 -26.88 25.86 -15.62
C ALA A 403 -26.98 24.39 -15.99
N PHE A 404 -27.66 24.09 -17.10
CA PHE A 404 -27.72 22.73 -17.64
C PHE A 404 -26.35 22.27 -18.17
N ASN A 405 -25.58 23.18 -18.74
CA ASN A 405 -24.22 22.84 -19.15
C ASN A 405 -23.40 22.42 -17.91
N TYR A 406 -23.46 23.23 -16.86
CA TYR A 406 -22.79 22.89 -15.61
C TYR A 406 -23.25 21.52 -15.07
N ALA A 407 -24.56 21.29 -15.04
CA ALA A 407 -25.10 20.00 -14.57
C ALA A 407 -24.50 18.83 -15.33
N ASP A 408 -24.40 18.97 -16.64
CA ASP A 408 -23.79 17.93 -17.44
C ASP A 408 -22.30 17.76 -17.07
N ARG A 409 -21.59 18.87 -16.84
CA ARG A 409 -20.19 18.79 -16.44
C ARG A 409 -20.00 17.98 -15.18
N VAL A 410 -20.90 18.09 -14.21
CA VAL A 410 -20.74 17.36 -12.94
C VAL A 410 -21.59 16.07 -12.90
N GLY A 411 -22.05 15.64 -14.07
CA GLY A 411 -22.73 14.36 -14.22
C GLY A 411 -23.94 14.14 -13.33
N ALA A 412 -24.71 15.21 -13.08
CA ALA A 412 -25.93 15.11 -12.28
C ALA A 412 -26.93 14.13 -12.88
N VAL A 413 -27.57 13.34 -12.02
CA VAL A 413 -28.68 12.49 -12.44
C VAL A 413 -29.92 13.35 -12.76
N ARG A 414 -29.97 14.54 -12.18
CA ARG A 414 -31.21 15.28 -12.09
C ARG A 414 -30.92 16.78 -11.99
N ALA A 415 -31.61 17.60 -12.79
CA ALA A 415 -31.63 19.04 -12.58
C ALA A 415 -32.94 19.42 -11.92
N VAL A 416 -32.85 20.30 -10.93
CA VAL A 416 -34.02 20.76 -10.18
C VAL A 416 -34.12 22.27 -10.38
N LEU A 417 -35.06 22.64 -11.24
CA LEU A 417 -35.25 24.03 -11.61
C LEU A 417 -36.30 24.63 -10.68
N VAL A 418 -35.91 25.68 -9.96
CA VAL A 418 -36.76 26.39 -9.02
C VAL A 418 -37.25 27.69 -9.67
N ALA A 419 -38.47 27.65 -10.19
CA ALA A 419 -39.03 28.79 -10.94
C ALA A 419 -40.31 29.32 -10.26
N PRO A 420 -40.61 30.63 -10.45
CA PRO A 420 -41.74 31.28 -9.74
C PRO A 420 -43.07 30.55 -9.87
N GLU A 421 -43.35 30.04 -11.06
CA GLU A 421 -44.64 29.43 -11.38
C GLU A 421 -44.88 28.18 -10.53
N GLU A 422 -43.93 27.25 -10.59
CA GLU A 422 -44.04 25.98 -9.88
C GLU A 422 -44.01 26.23 -8.38
N TRP A 423 -43.15 27.15 -7.96
CA TRP A 423 -43.03 27.47 -6.54
C TRP A 423 -44.34 27.93 -5.94
N GLU A 424 -45.11 28.72 -6.70
CA GLU A 424 -46.44 29.15 -6.27
C GLU A 424 -47.38 27.95 -6.06
N ARG A 425 -47.17 26.88 -6.80
CA ARG A 425 -47.94 25.64 -6.62
C ARG A 425 -47.33 24.70 -5.57
N GLY A 426 -46.29 25.15 -4.86
CA GLY A 426 -45.55 24.28 -3.94
C GLY A 426 -44.76 23.20 -4.65
N GLU A 427 -44.27 23.52 -5.84
CA GLU A 427 -43.55 22.55 -6.67
C GLU A 427 -42.21 23.10 -7.19
N VAL A 428 -41.40 22.19 -7.70
CA VAL A 428 -40.25 22.55 -8.54
C VAL A 428 -40.34 21.76 -9.83
N GLN A 429 -39.51 22.16 -10.79
CA GLN A 429 -39.42 21.44 -12.05
C GLN A 429 -38.18 20.56 -12.06
N VAL A 430 -38.40 19.27 -12.27
CA VAL A 430 -37.32 18.31 -12.27
C VAL A 430 -37.10 17.70 -13.66
N LYS A 431 -35.82 17.58 -14.03
CA LYS A 431 -35.43 17.02 -15.32
C LYS A 431 -34.38 15.93 -15.11
N MET A 432 -34.70 14.70 -15.53
CA MET A 432 -33.79 13.56 -15.41
C MET A 432 -32.76 13.65 -16.52
N LEU A 433 -31.49 13.69 -16.13
CA LEU A 433 -30.39 13.82 -17.09
C LEU A 433 -29.71 12.48 -17.37
N ARG A 434 -29.84 11.53 -16.45
CA ARG A 434 -29.31 10.16 -16.63
C ARG A 434 -30.46 9.18 -16.55
N ARG A 446 -37.81 16.22 -21.50
CA ARG A 446 -38.80 17.28 -21.34
C ARG A 446 -38.63 18.06 -20.03
N GLY A 447 -39.08 17.50 -18.90
CA GLY A 447 -39.10 18.21 -17.62
C GLY A 447 -40.48 18.16 -16.97
N PHE A 448 -40.53 17.94 -15.65
CA PHE A 448 -41.81 17.68 -14.95
C PHE A 448 -41.89 18.38 -13.60
N ALA A 449 -43.05 18.97 -13.31
CA ALA A 449 -43.28 19.63 -12.01
C ALA A 449 -43.50 18.58 -10.91
N VAL A 450 -42.94 18.82 -9.73
CA VAL A 450 -42.98 17.88 -8.61
C VAL A 450 -43.15 18.61 -7.28
N PRO A 451 -44.06 18.12 -6.40
CA PRO A 451 -44.15 18.75 -5.08
C PRO A 451 -42.85 18.62 -4.30
N LEU A 452 -42.56 19.58 -3.43
CA LEU A 452 -41.33 19.58 -2.66
C LEU A 452 -41.12 18.24 -1.94
N ASP A 453 -42.14 17.78 -1.23
CA ASP A 453 -42.06 16.55 -0.44
C ASP A 453 -41.72 15.31 -1.26
N ARG A 454 -42.20 15.26 -2.50
CA ARG A 454 -41.93 14.13 -3.40
C ARG A 454 -40.48 14.05 -3.87
N LEU A 455 -39.73 15.15 -3.77
CA LEU A 455 -38.35 15.20 -4.30
C LEU A 455 -37.41 14.11 -3.82
N VAL A 456 -37.60 13.67 -2.58
CA VAL A 456 -36.57 12.90 -1.89
C VAL A 456 -36.96 11.46 -1.62
N HIS B . 8.61 -1.99 5.73
CA HIS B . 8.68 -2.96 4.61
C HIS B . 9.09 -2.28 3.32
O HIS B . 9.39 -2.95 2.34
CB HIS B . 7.32 -3.66 4.42
CG HIS B . 6.81 -4.31 5.64
ND1 HIS B . 7.45 -5.38 6.23
CD2 HIS B . 5.75 -4.03 6.42
CE1 HIS B . 6.79 -5.74 7.32
NE2 HIS B . 5.75 -4.93 7.46
OXT HIS B . 9.10 -1.05 3.22
CAE 0P6 C . 10.51 5.66 0.14
CAG 0P6 C . 10.04 6.51 -0.82
CAK 0P6 C . 9.82 6.06 -2.14
CAF 0P6 C . 9.34 6.87 -3.19
CAC 0P6 C . 9.13 6.34 -4.43
CAD 0P6 C . 9.38 5.01 -4.70
CAJ 0P6 C . 9.87 4.19 -3.72
OAB 0P6 C . 10.10 2.89 -3.99
CAL 0P6 C . 10.10 4.70 -2.41
NAH 0P6 C . 10.59 3.83 -1.45
CAI 0P6 C . 10.79 4.33 -0.23
NAA 0P6 C . 11.32 3.47 0.67
CAE 0P6 D . -23.80 8.61 -11.35
CAG 0P6 D . -23.01 7.72 -12.01
CAK 0P6 D . -22.33 8.11 -13.18
CAF 0P6 D . -21.43 7.28 -13.90
CAC 0P6 D . -20.75 7.75 -14.99
CAD 0P6 D . -20.94 9.06 -15.43
CAJ 0P6 D . -21.79 9.89 -14.77
OAB 0P6 D . -21.94 11.19 -15.17
CAL 0P6 D . -22.51 9.43 -13.63
NAH 0P6 D . -23.31 10.33 -12.99
CAI 0P6 D . -23.92 9.92 -11.87
NAA 0P6 D . -24.64 10.86 -11.22
S SO4 E . -8.46 -15.81 -10.17
O1 SO4 E . -7.74 -14.64 -10.70
O2 SO4 E . -7.70 -16.98 -10.64
O3 SO4 E . -9.84 -15.75 -10.70
O4 SO4 E . -8.52 -15.85 -8.68
S DMS F . 17.33 -0.01 15.42
O DMS F . 17.45 1.13 14.47
C1 DMS F . 17.10 -1.47 14.56
C2 DMS F . 18.86 -0.30 16.10
S DMS G . -20.86 28.29 -19.09
O DMS G . -21.42 29.11 -20.19
C1 DMS G . -21.20 29.03 -17.60
C2 DMS G . -21.81 26.89 -18.95
S DMS H . -12.34 -9.73 -5.05
O DMS H . -12.85 -10.87 -5.82
C1 DMS H . -13.63 -8.80 -4.47
C2 DMS H . -11.70 -10.34 -3.58
C1 EDO I . 13.17 19.99 19.13
O1 EDO I . 12.90 21.26 19.72
C2 EDO I . 13.74 20.23 17.74
O2 EDO I . 14.11 21.59 17.56
S SO4 J . -7.64 8.18 3.87
O1 SO4 J . -6.59 7.14 3.73
O2 SO4 J . -8.93 7.68 3.38
O3 SO4 J . -7.23 9.39 3.14
O4 SO4 J . -7.77 8.54 5.30
#